data_6TOH
#
_entry.id   6TOH
#
_cell.length_a   67.785
_cell.length_b   67.785
_cell.length_c   165.983
_cell.angle_alpha   90.000
_cell.angle_beta   90.000
_cell.angle_gamma   120.000
#
_symmetry.space_group_name_H-M   'P 61 2 2'
#
loop_
_entity.id
_entity.type
_entity.pdbx_description
1 polymer 'B-cell lymphoma 6 protein'
2 polymer ALA-TRP-VAL-ILE-PRO-ALA
3 non-polymer 2-chloranyl-4-[(1,3-dimethyl-2-oxidanylidene-benzimidazol-5-yl)amino]pyridine-3-carbonitrile
4 non-polymer 1,2-ETHANEDIOL
5 water water
#
loop_
_entity_poly.entity_id
_entity_poly.type
_entity_poly.pdbx_seq_one_letter_code
_entity_poly.pdbx_strand_id
1 'polypeptide(L)'
;GPGADSCIQFTRHASDVLLNLNRLRSRDILTDVVIVVSREQFRAHKTVLMACSGLFYSIFTDQLKCNLSVINLDPEINPE
GFCILLDFMYTSRLNLREGNIMAVMATAMYLQMEHVVDTCRKFIKASE
;
A
2 'polypeptide(L)' AWVIPA B
#
# COMPACT_ATOMS: atom_id res chain seq x y z
C ASP A 5 1.15 -16.00 28.40
N SER A 6 0.04 -15.26 28.61
CA SER A 6 -1.21 -15.87 29.04
C SER A 6 -2.40 -15.59 28.08
N CYS A 7 -2.21 -14.70 27.09
CA CYS A 7 -3.26 -14.33 26.13
C CYS A 7 -3.69 -15.54 25.24
N ILE A 8 -4.88 -15.40 24.62
CA ILE A 8 -5.37 -16.25 23.53
C ILE A 8 -5.32 -15.32 22.31
N GLN A 9 -5.28 -15.89 21.11
N GLN A 9 -5.26 -15.90 21.10
CA GLN A 9 -5.17 -15.13 19.88
CA GLN A 9 -5.11 -15.13 19.86
C GLN A 9 -6.27 -15.53 18.91
C GLN A 9 -6.16 -15.54 18.81
N PHE A 10 -6.85 -14.56 18.21
CA PHE A 10 -7.87 -14.82 17.17
C PHE A 10 -7.09 -14.78 15.85
N THR A 11 -6.88 -15.96 15.26
N THR A 11 -6.86 -15.96 15.25
CA THR A 11 -6.08 -16.11 14.05
CA THR A 11 -6.08 -16.17 14.01
C THR A 11 -6.46 -15.15 12.92
C THR A 11 -6.46 -15.27 12.83
N ARG A 12 -7.75 -15.04 12.62
CA ARG A 12 -8.22 -14.20 11.53
C ARG A 12 -8.36 -12.69 11.80
N HIS A 13 -8.04 -12.24 13.00
CA HIS A 13 -8.28 -10.85 13.37
C HIS A 13 -7.54 -9.87 12.45
N ALA A 14 -6.22 -10.06 12.23
CA ALA A 14 -5.47 -9.07 11.42
C ALA A 14 -6.04 -8.99 10.01
N SER A 15 -6.37 -10.13 9.38
N SER A 15 -6.39 -10.14 9.41
N SER A 15 -6.38 -10.14 9.41
CA SER A 15 -6.95 -10.08 8.02
CA SER A 15 -6.97 -10.19 8.06
CA SER A 15 -6.96 -10.17 8.06
C SER A 15 -8.34 -9.43 8.03
C SER A 15 -8.33 -9.49 8.03
C SER A 15 -8.32 -9.46 8.05
N ASP A 16 -9.14 -9.66 9.09
CA ASP A 16 -10.47 -9.03 9.21
C ASP A 16 -10.34 -7.51 9.33
N VAL A 17 -9.34 -7.05 10.10
CA VAL A 17 -9.11 -5.60 10.24
C VAL A 17 -8.75 -5.00 8.86
N LEU A 18 -7.82 -5.64 8.15
CA LEU A 18 -7.40 -5.16 6.84
C LEU A 18 -8.58 -5.12 5.86
N LEU A 19 -9.41 -6.17 5.86
N LEU A 19 -9.44 -6.18 5.87
CA LEU A 19 -10.59 -6.20 5.00
CA LEU A 19 -10.64 -6.25 5.02
C LEU A 19 -11.50 -4.98 5.30
C LEU A 19 -11.54 -5.04 5.30
N ASN A 20 -11.71 -4.69 6.60
CA ASN A 20 -12.55 -3.55 6.98
C ASN A 20 -11.90 -2.22 6.60
N LEU A 21 -10.57 -2.10 6.73
CA LEU A 21 -9.89 -0.87 6.30
C LEU A 21 -10.06 -0.69 4.78
N ASN A 22 -9.97 -1.80 4.02
CA ASN A 22 -10.17 -1.68 2.56
C ASN A 22 -11.63 -1.26 2.25
N ARG A 23 -12.60 -1.78 3.03
CA ARG A 23 -14.01 -1.38 2.83
C ARG A 23 -14.18 0.11 3.13
N LEU A 24 -13.49 0.64 4.17
CA LEU A 24 -13.54 2.08 4.43
C LEU A 24 -12.96 2.83 3.25
N ARG A 25 -11.81 2.35 2.70
CA ARG A 25 -11.21 3.02 1.55
C ARG A 25 -12.17 3.06 0.34
N SER A 26 -12.82 1.91 0.02
N SER A 26 -12.81 1.92 0.04
N SER A 26 -12.81 1.92 0.03
CA SER A 26 -13.75 1.82 -1.11
CA SER A 26 -13.77 1.78 -1.08
CA SER A 26 -13.76 1.80 -1.09
C SER A 26 -14.96 2.76 -0.98
C SER A 26 -14.88 2.83 -0.96
C SER A 26 -14.94 2.76 -0.97
N ARG A 27 -15.40 3.01 0.28
CA ARG A 27 -16.53 3.91 0.58
C ARG A 27 -16.06 5.33 0.87
N ASP A 28 -14.74 5.56 0.80
CA ASP A 28 -14.11 6.86 1.04
C ASP A 28 -14.42 7.37 2.45
N ILE A 29 -14.40 6.45 3.44
CA ILE A 29 -14.70 6.80 4.82
C ILE A 29 -13.40 7.04 5.58
N LEU A 30 -13.30 8.25 6.15
CA LEU A 30 -12.17 8.70 6.97
C LEU A 30 -10.81 8.67 6.26
N THR A 31 -10.81 8.66 4.92
CA THR A 31 -9.59 8.87 4.15
C THR A 31 -9.13 10.29 4.45
N ASP A 32 -7.82 10.47 4.61
CA ASP A 32 -7.30 11.76 5.05
C ASP A 32 -6.16 12.27 4.22
N VAL A 33 -5.91 11.63 3.07
CA VAL A 33 -4.87 12.12 2.18
C VAL A 33 -5.20 11.73 0.76
N VAL A 34 -4.74 12.53 -0.20
N VAL A 34 -4.74 12.51 -0.20
CA VAL A 34 -4.82 12.25 -1.63
CA VAL A 34 -4.84 12.16 -1.60
C VAL A 34 -3.37 12.11 -2.08
C VAL A 34 -3.41 12.12 -2.14
N ILE A 35 -3.06 11.00 -2.76
CA ILE A 35 -1.73 10.79 -3.35
C ILE A 35 -1.92 11.11 -4.82
N VAL A 36 -1.11 12.06 -5.33
CA VAL A 36 -1.19 12.47 -6.73
C VAL A 36 -0.01 11.87 -7.48
N VAL A 37 -0.31 11.11 -8.55
CA VAL A 37 0.69 10.44 -9.38
C VAL A 37 0.39 10.88 -10.82
N SER A 38 0.98 12.05 -11.14
N SER A 38 1.25 11.74 -11.39
CA SER A 38 0.82 12.81 -12.37
CA SER A 38 1.08 12.20 -12.78
C SER A 38 -0.66 13.22 -12.56
C SER A 38 -0.40 12.58 -13.08
N ARG A 39 -1.38 12.64 -13.52
N ARG A 39 -0.97 13.44 -12.20
CA ARG A 39 -2.78 12.98 -13.76
CA ARG A 39 -2.34 13.96 -12.22
C ARG A 39 -3.78 12.18 -12.91
C ARG A 39 -3.41 12.95 -11.75
N GLU A 40 -3.28 11.22 -12.11
N GLU A 40 -3.14 11.63 -11.80
CA GLU A 40 -4.18 10.40 -11.29
CA GLU A 40 -4.09 10.64 -11.29
C GLU A 40 -4.14 10.77 -9.82
C GLU A 40 -4.13 10.83 -9.77
N GLN A 41 -5.26 10.57 -9.14
CA GLN A 41 -5.41 10.80 -7.70
C GLN A 41 -5.86 9.56 -6.98
N PHE A 42 -5.28 9.31 -5.81
CA PHE A 42 -5.67 8.12 -5.03
C PHE A 42 -5.94 8.51 -3.59
N ARG A 43 -7.18 8.30 -3.09
CA ARG A 43 -7.48 8.63 -1.70
C ARG A 43 -7.07 7.46 -0.79
N ALA A 44 -6.53 7.76 0.38
CA ALA A 44 -6.11 6.65 1.26
C ALA A 44 -6.12 7.11 2.71
N HIS A 45 -5.74 6.19 3.63
CA HIS A 45 -5.60 6.51 5.06
C HIS A 45 -4.07 6.61 5.32
N LYS A 46 -3.61 7.74 5.87
CA LYS A 46 -2.19 7.92 6.18
C LYS A 46 -1.63 6.75 7.00
N THR A 47 -2.37 6.29 8.00
CA THR A 47 -1.88 5.19 8.85
C THR A 47 -1.58 3.93 8.08
N VAL A 48 -2.45 3.57 7.11
CA VAL A 48 -2.21 2.34 6.34
C VAL A 48 -0.95 2.55 5.47
N LEU A 49 -0.87 3.72 4.80
CA LEU A 49 0.30 3.99 3.96
C LEU A 49 1.61 3.90 4.77
N MET A 50 1.66 4.50 5.97
CA MET A 50 2.86 4.46 6.82
C MET A 50 3.15 3.05 7.26
N ALA A 51 2.09 2.25 7.52
CA ALA A 51 2.29 0.89 8.01
C ALA A 51 2.92 -0.01 6.93
N CYS A 52 2.79 0.39 5.64
CA CYS A 52 3.25 -0.44 4.50
C CYS A 52 4.46 0.06 3.75
N SER A 53 4.83 1.33 3.93
CA SER A 53 5.85 1.94 3.07
C SER A 53 6.81 2.79 3.89
N GLY A 54 8.11 2.55 3.67
CA GLY A 54 9.15 3.34 4.31
C GLY A 54 9.10 4.80 3.90
N LEU A 55 8.72 5.06 2.63
CA LEU A 55 8.60 6.44 2.17
C LEU A 55 7.46 7.16 2.88
N PHE A 56 6.26 6.54 2.92
CA PHE A 56 5.13 7.18 3.60
C PHE A 56 5.39 7.31 5.09
N TYR A 57 6.11 6.34 5.69
CA TYR A 57 6.42 6.47 7.12
C TYR A 57 7.25 7.73 7.35
N SER A 58 8.26 7.96 6.50
CA SER A 58 9.10 9.15 6.63
C SER A 58 8.29 10.44 6.41
N ILE A 59 7.41 10.46 5.39
CA ILE A 59 6.58 11.63 5.09
C ILE A 59 5.64 12.00 6.22
N PHE A 60 4.87 11.02 6.71
CA PHE A 60 3.84 11.35 7.67
C PHE A 60 4.35 11.47 9.12
N THR A 61 5.65 11.20 9.36
CA THR A 61 6.26 11.45 10.68
C THR A 61 7.02 12.80 10.66
N ASP A 62 7.11 13.44 9.47
CA ASP A 62 7.75 14.75 9.37
C ASP A 62 6.77 15.77 9.94
N GLN A 63 7.26 16.67 10.81
CA GLN A 63 6.45 17.66 11.53
C GLN A 63 5.70 18.63 10.64
N LEU A 64 6.17 18.89 9.40
CA LEU A 64 5.44 19.73 8.45
C LEU A 64 4.58 18.91 7.52
N LYS A 65 5.13 17.82 6.95
CA LYS A 65 4.41 17.02 5.96
C LYS A 65 3.25 16.21 6.53
N CYS A 66 3.29 15.87 7.84
CA CYS A 66 2.23 15.10 8.50
C CYS A 66 0.85 15.75 8.37
N ASN A 67 0.84 17.08 8.17
CA ASN A 67 -0.35 17.92 8.08
C ASN A 67 -0.84 18.19 6.66
N LEU A 68 -0.11 17.73 5.64
CA LEU A 68 -0.55 17.95 4.27
C LEU A 68 -1.68 16.95 3.92
N SER A 69 -2.68 17.44 3.17
CA SER A 69 -3.83 16.64 2.72
CA SER A 69 -3.81 16.59 2.75
C SER A 69 -3.58 16.10 1.31
N VAL A 70 -2.53 16.63 0.65
CA VAL A 70 -2.18 16.21 -0.71
C VAL A 70 -0.67 15.94 -0.74
N ILE A 71 -0.28 14.78 -1.31
CA ILE A 71 1.13 14.43 -1.48
C ILE A 71 1.35 14.16 -2.96
N ASN A 72 2.31 14.87 -3.59
CA ASN A 72 2.60 14.67 -5.00
C ASN A 72 3.82 13.78 -5.16
N LEU A 73 3.68 12.64 -5.83
CA LEU A 73 4.82 11.75 -6.05
C LEU A 73 5.67 12.20 -7.23
N ASP A 74 6.90 11.66 -7.29
CA ASP A 74 7.86 11.94 -8.37
C ASP A 74 7.18 11.70 -9.73
N PRO A 75 7.34 12.62 -10.72
CA PRO A 75 6.68 12.41 -12.03
C PRO A 75 7.06 11.11 -12.76
N GLU A 76 8.19 10.48 -12.40
CA GLU A 76 8.59 9.22 -13.04
C GLU A 76 7.72 8.05 -12.58
N ILE A 77 6.96 8.21 -11.47
CA ILE A 77 6.14 7.10 -10.95
C ILE A 77 4.93 6.83 -11.81
N ASN A 78 4.76 5.56 -12.15
CA ASN A 78 3.68 5.05 -12.97
C ASN A 78 2.38 4.93 -12.16
N PRO A 79 1.26 5.58 -12.57
CA PRO A 79 0.01 5.46 -11.79
C PRO A 79 -0.51 4.03 -11.65
N GLU A 80 -0.42 3.19 -12.70
CA GLU A 80 -0.91 1.82 -12.58
C GLU A 80 -0.09 1.05 -11.54
N GLY A 81 1.24 1.22 -11.57
CA GLY A 81 2.13 0.59 -10.60
C GLY A 81 1.75 1.03 -9.19
N PHE A 82 1.49 2.35 -9.01
CA PHE A 82 1.08 2.84 -7.69
C PHE A 82 -0.26 2.19 -7.28
N CYS A 83 -1.22 2.15 -8.21
CA CYS A 83 -2.54 1.56 -7.92
C CYS A 83 -2.42 0.10 -7.46
N ILE A 84 -1.57 -0.67 -8.16
CA ILE A 84 -1.37 -2.08 -7.81
C ILE A 84 -0.80 -2.20 -6.40
N LEU A 85 0.17 -1.33 -6.07
CA LEU A 85 0.79 -1.35 -4.74
C LEU A 85 -0.15 -0.86 -3.65
N LEU A 86 -0.99 0.14 -3.96
CA LEU A 86 -1.98 0.60 -2.97
C LEU A 86 -3.00 -0.54 -2.67
N ASP A 87 -3.41 -1.27 -3.73
CA ASP A 87 -4.31 -2.41 -3.53
C ASP A 87 -3.63 -3.46 -2.67
N PHE A 88 -2.34 -3.72 -2.91
CA PHE A 88 -1.59 -4.70 -2.11
C PHE A 88 -1.58 -4.24 -0.63
N MET A 89 -1.31 -2.95 -0.39
CA MET A 89 -1.29 -2.47 0.99
C MET A 89 -2.58 -2.82 1.75
N TYR A 90 -3.74 -2.67 1.07
CA TYR A 90 -5.04 -2.87 1.70
C TYR A 90 -5.58 -4.30 1.60
N THR A 91 -4.87 -5.22 0.89
CA THR A 91 -5.43 -6.57 0.71
C THR A 91 -4.46 -7.72 0.87
N SER A 92 -3.13 -7.46 0.90
N SER A 92 -3.13 -7.43 0.84
CA SER A 92 -2.07 -8.50 0.92
CA SER A 92 -2.01 -8.38 0.86
C SER A 92 -1.90 -9.20 -0.44
C SER A 92 -1.83 -9.11 -0.48
N ARG A 93 -2.69 -8.80 -1.47
CA ARG A 93 -2.65 -9.43 -2.80
C ARG A 93 -1.99 -8.49 -3.78
N LEU A 94 -1.02 -9.03 -4.53
CA LEU A 94 -0.25 -8.23 -5.48
C LEU A 94 -0.54 -8.74 -6.89
N ASN A 95 -1.13 -7.89 -7.74
CA ASN A 95 -1.49 -8.26 -9.12
C ASN A 95 -0.26 -8.07 -10.02
N LEU A 96 0.70 -8.99 -9.91
CA LEU A 96 1.95 -8.94 -10.67
C LEU A 96 1.79 -9.68 -11.99
N ARG A 97 2.06 -8.97 -13.11
CA ARG A 97 1.91 -9.52 -14.47
C ARG A 97 3.13 -9.14 -15.30
N GLU A 98 3.43 -9.93 -16.36
CA GLU A 98 4.59 -9.62 -17.23
C GLU A 98 4.59 -8.16 -17.69
N GLY A 99 3.41 -7.64 -18.02
CA GLY A 99 3.25 -6.28 -18.54
C GLY A 99 3.33 -5.16 -17.52
N ASN A 100 3.28 -5.49 -16.22
CA ASN A 100 3.37 -4.43 -15.20
C ASN A 100 4.54 -4.61 -14.21
N ILE A 101 5.25 -5.76 -14.25
CA ILE A 101 6.29 -6.05 -13.24
C ILE A 101 7.39 -4.97 -13.14
N MET A 102 7.86 -4.46 -14.27
CA MET A 102 8.89 -3.42 -14.20
C MET A 102 8.39 -2.17 -13.50
N ALA A 103 7.15 -1.73 -13.80
CA ALA A 103 6.60 -0.52 -13.16
C ALA A 103 6.30 -0.78 -11.69
N VAL A 104 5.78 -1.99 -11.37
CA VAL A 104 5.52 -2.33 -9.96
C VAL A 104 6.82 -2.33 -9.16
N MET A 105 7.88 -2.97 -9.71
CA MET A 105 9.15 -3.02 -8.98
C MET A 105 9.72 -1.61 -8.78
N ALA A 106 9.73 -0.77 -9.83
CA ALA A 106 10.26 0.60 -9.71
C ALA A 106 9.47 1.41 -8.67
N THR A 107 8.14 1.26 -8.67
CA THR A 107 7.29 1.95 -7.70
C THR A 107 7.59 1.43 -6.26
N ALA A 108 7.73 0.09 -6.08
CA ALA A 108 7.99 -0.50 -4.75
C ALA A 108 9.37 -0.06 -4.22
N MET A 109 10.35 0.10 -5.13
CA MET A 109 11.66 0.61 -4.71
C MET A 109 11.53 2.05 -4.18
N TYR A 110 10.79 2.91 -4.90
CA TYR A 110 10.55 4.30 -4.53
C TYR A 110 9.77 4.37 -3.20
N LEU A 111 8.73 3.53 -3.07
CA LEU A 111 7.90 3.54 -1.86
C LEU A 111 8.58 2.84 -0.69
N GLN A 112 9.73 2.16 -0.94
CA GLN A 112 10.47 1.43 0.09
C GLN A 112 9.58 0.31 0.68
N MET A 113 9.15 -0.60 -0.20
CA MET A 113 8.33 -1.77 0.15
C MET A 113 9.19 -2.99 -0.17
N GLU A 114 10.08 -3.34 0.78
CA GLU A 114 11.13 -4.36 0.59
C GLU A 114 10.66 -5.74 0.14
N HIS A 115 9.59 -6.29 0.75
CA HIS A 115 9.11 -7.62 0.36
C HIS A 115 8.57 -7.65 -1.06
N VAL A 116 7.91 -6.56 -1.49
CA VAL A 116 7.43 -6.47 -2.88
C VAL A 116 8.62 -6.44 -3.83
N VAL A 117 9.62 -5.62 -3.52
CA VAL A 117 10.82 -5.54 -4.36
C VAL A 117 11.46 -6.93 -4.52
N ASP A 118 11.57 -7.67 -3.40
CA ASP A 118 12.13 -9.03 -3.39
C ASP A 118 11.39 -9.98 -4.31
N THR A 119 10.02 -10.04 -4.23
CA THR A 119 9.27 -10.97 -5.10
C THR A 119 9.40 -10.56 -6.57
N CYS A 120 9.41 -9.22 -6.86
CA CYS A 120 9.58 -8.74 -8.23
C CYS A 120 10.90 -9.20 -8.81
N ARG A 121 11.99 -9.05 -8.03
N ARG A 121 11.99 -9.05 -8.02
CA ARG A 121 13.34 -9.47 -8.45
CA ARG A 121 13.34 -9.46 -8.42
C ARG A 121 13.36 -10.97 -8.77
C ARG A 121 13.43 -10.95 -8.72
N LYS A 122 12.71 -11.77 -7.92
CA LYS A 122 12.65 -13.23 -8.08
C LYS A 122 11.86 -13.64 -9.35
N PHE A 123 10.71 -12.97 -9.62
CA PHE A 123 9.92 -13.27 -10.81
C PHE A 123 10.65 -12.84 -12.09
N ILE A 124 11.44 -11.73 -12.02
CA ILE A 124 12.23 -11.27 -13.18
C ILE A 124 13.37 -12.25 -13.46
N LYS A 125 14.08 -12.69 -12.39
CA LYS A 125 15.21 -13.64 -12.47
C LYS A 125 14.77 -14.96 -13.13
N ALA A 126 13.55 -15.44 -12.80
CA ALA A 126 12.96 -16.67 -13.34
C ALA A 126 12.71 -16.59 -14.87
N SER A 127 12.44 -15.39 -15.40
CA SER A 127 12.21 -15.18 -16.84
C SER A 127 13.53 -15.09 -17.62
N GLU A 128 14.58 -14.53 -16.98
CA GLU A 128 15.92 -14.37 -17.57
C GLU A 128 16.95 -15.30 -16.92
CA ALA B 1 -10.81 -19.41 15.62
C ALA B 1 -9.77 -18.82 16.58
N TRP B 2 -9.83 -19.25 17.85
CA TRP B 2 -8.92 -18.80 18.89
C TRP B 2 -7.87 -19.88 19.11
N VAL B 3 -6.62 -19.46 19.35
CA VAL B 3 -5.49 -20.38 19.59
C VAL B 3 -4.59 -19.89 20.74
N ILE B 4 -3.69 -20.77 21.22
CA ILE B 4 -2.64 -20.39 22.15
C ILE B 4 -1.49 -19.87 21.24
N PRO B 5 -1.14 -18.57 21.31
CA PRO B 5 -0.08 -18.06 20.41
C PRO B 5 1.33 -18.50 20.76
N ALA B 6 2.19 -18.64 19.75
#